data_4LKK
#
_entry.id   4LKK
#
_cell.length_a   117.143
_cell.length_b   117.143
_cell.length_c   297.664
_cell.angle_alpha   90.00
_cell.angle_beta   90.00
_cell.angle_gamma   120.00
#
_symmetry.space_group_name_H-M   'H 3 2'
#
loop_
_entity.id
_entity.type
_entity.pdbx_description
1 polymer hemagglutinin
2 polymer hemagglutinin
3 branched 'N-acetyl-alpha-neuraminic acid-(2-6)-beta-D-galactopyranose'
4 non-polymer 2-acetamido-2-deoxy-beta-D-glucopyranose
5 water water
#
loop_
_entity_poly.entity_id
_entity_poly.type
_entity_poly.pdbx_seq_one_letter_code
_entity_poly.pdbx_strand_id
1 'polypeptide(L)'
;ICLGHHAVSNGTKVNTLTERGVEVVNATETVERTNIPRICSKGKRTVDLGQCGLLGTITGPPQCDQFLEFSADLIIERRE
GSDVCYPGKFVNEEALRQILRESGGIDKEAMGFTYSGIRTNGATSACRRSGSSFYAEMKWLLSNTDNAAFPQMTKSYKNT
RKSPALIVWGIHHSVSTAEQTKLYGSGNKLVTVGSSNYQQSFVPSPGARPQVNGQSGRIDFHWLMLNPNDTVTFSFNGAF
IAPDRASFLRGKSMGIQSGVQVDANCEGDCYHSGGTIISNLPFQNIDSRAVGKCPRYVKQRSLLLATGMKNVPE
;
A
2 'polypeptide(L)'
;LFGAIAGFIENGWEGLIDGWYGFRHQNAQGEGTAADYKSTQSAIDQITGKLNRLIEKTNQQFELIDNEFNEVEKQIGNVI
NWTRDSITEVWSYNAELLVAMENQHTIDLADSEMDKLYERVKRQLRENAEEDGTGCFEIFHKCDDDCMASIRNNTYDHSK
YREEAMQN
;
B
#
loop_
_chem_comp.id
_chem_comp.type
_chem_comp.name
_chem_comp.formula
GAL D-saccharide, beta linking beta-D-galactopyranose 'C6 H12 O6'
NAG D-saccharide, beta linking 2-acetamido-2-deoxy-beta-D-glucopyranose 'C8 H15 N O6'
SIA D-saccharide, alpha linking 'N-acetyl-alpha-neuraminic acid' 'C11 H19 N O9'
#
# COMPACT_ATOMS: atom_id res chain seq x y z
N ILE A 1 -16.32 -37.68 38.55
CA ILE A 1 -15.32 -36.87 37.87
C ILE A 1 -15.91 -35.59 37.27
N CYS A 2 -15.15 -34.50 37.36
CA CYS A 2 -15.59 -33.21 36.83
C CYS A 2 -14.59 -32.65 35.82
N LEU A 3 -15.11 -31.87 34.88
CA LEU A 3 -14.27 -31.25 33.86
C LEU A 3 -14.68 -29.81 33.60
N GLY A 4 -13.68 -28.96 33.38
CA GLY A 4 -13.92 -27.55 33.13
C GLY A 4 -12.99 -27.05 32.05
N HIS A 5 -12.82 -25.73 31.98
CA HIS A 5 -11.95 -25.11 30.99
C HIS A 5 -11.01 -24.17 31.70
N HIS A 6 -9.94 -23.75 31.01
CA HIS A 6 -9.00 -22.82 31.61
C HIS A 6 -9.55 -21.39 31.61
N ALA A 7 -8.91 -20.51 32.37
CA ALA A 7 -9.26 -19.10 32.42
C ALA A 7 -8.05 -18.32 32.86
N VAL A 8 -8.14 -16.98 32.85
CA VAL A 8 -7.04 -16.15 33.32
C VAL A 8 -7.53 -14.97 34.16
N SER A 9 -6.61 -14.36 34.89
CA SER A 9 -6.92 -13.20 35.71
C SER A 9 -7.30 -11.99 34.86
N ASN A 10 -6.35 -11.51 34.07
CA ASN A 10 -6.56 -10.40 33.15
C ASN A 10 -6.72 -10.91 31.72
N GLY A 11 -7.94 -10.77 31.17
CA GLY A 11 -8.23 -11.20 29.80
C GLY A 11 -8.32 -10.04 28.82
N THR A 12 -8.71 -10.33 27.58
CA THR A 12 -8.83 -9.30 26.55
C THR A 12 -10.25 -9.10 26.01
N LYS A 13 -10.80 -7.91 26.21
CA LYS A 13 -12.12 -7.57 25.67
C LYS A 13 -12.10 -7.53 24.13
N VAL A 14 -13.06 -8.21 23.51
CA VAL A 14 -13.28 -8.11 22.06
C VAL A 14 -14.74 -7.78 21.78
N ASN A 15 -15.05 -7.47 20.53
CA ASN A 15 -16.43 -7.21 20.12
C ASN A 15 -16.99 -8.38 19.30
N THR A 16 -18.28 -8.64 19.45
CA THR A 16 -18.93 -9.70 18.67
C THR A 16 -20.11 -9.16 17.89
N LEU A 17 -20.86 -10.06 17.26
CA LEU A 17 -22.09 -9.69 16.57
C LEU A 17 -23.12 -9.19 17.57
N THR A 18 -23.05 -9.74 18.78
CA THR A 18 -24.09 -9.52 19.79
C THR A 18 -23.64 -8.60 20.92
N GLU A 19 -22.33 -8.53 21.16
CA GLU A 19 -21.80 -7.74 22.28
C GLU A 19 -20.65 -6.82 21.91
N ARG A 20 -20.33 -5.92 22.84
CA ARG A 20 -19.12 -5.12 22.75
C ARG A 20 -18.37 -5.28 24.07
N GLY A 21 -17.12 -5.71 23.98
CA GLY A 21 -16.28 -5.85 25.17
C GLY A 21 -16.45 -7.13 25.94
N VAL A 22 -16.70 -8.24 25.23
CA VAL A 22 -16.73 -9.55 25.87
C VAL A 22 -15.30 -10.07 26.02
N GLU A 23 -14.91 -10.43 27.25
CA GLU A 23 -13.54 -10.88 27.49
C GLU A 23 -13.28 -12.30 26.98
N VAL A 24 -12.19 -12.47 26.25
CA VAL A 24 -11.72 -13.78 25.84
C VAL A 24 -10.33 -14.03 26.44
N VAL A 25 -9.86 -15.27 26.38
CA VAL A 25 -8.57 -15.61 26.95
C VAL A 25 -7.40 -14.91 26.25
N ASN A 26 -7.37 -15.01 24.93
CA ASN A 26 -6.35 -14.32 24.16
C ASN A 26 -6.93 -13.65 22.92
N ALA A 27 -6.26 -12.60 22.44
CA ALA A 27 -6.66 -11.90 21.23
C ALA A 27 -5.45 -11.54 20.39
N THR A 28 -5.68 -11.08 19.17
CA THR A 28 -4.60 -10.57 18.34
C THR A 28 -5.09 -9.43 17.46
N GLU A 29 -4.24 -8.41 17.28
CA GLU A 29 -4.58 -7.24 16.48
C GLU A 29 -4.73 -7.57 14.99
N THR A 30 -5.59 -6.83 14.31
CA THR A 30 -5.92 -7.09 12.92
C THR A 30 -5.60 -5.85 12.06
N VAL A 31 -5.40 -4.71 12.73
CA VAL A 31 -5.14 -3.42 12.07
C VAL A 31 -3.72 -2.91 12.36
N GLU A 32 -2.94 -2.70 11.29
CA GLU A 32 -1.55 -2.28 11.46
C GLU A 32 -1.42 -0.80 11.83
N ARG A 33 -0.73 -0.53 12.93
CA ARG A 33 -0.47 0.85 13.36
C ARG A 33 1.02 1.15 13.37
N THR A 34 1.83 0.11 13.26
CA THR A 34 3.28 0.30 13.35
C THR A 34 3.91 0.73 12.03
N ASN A 35 4.52 1.90 12.01
CA ASN A 35 5.24 2.40 10.84
C ASN A 35 6.74 2.29 11.02
N ILE A 36 7.47 2.08 9.93
CA ILE A 36 8.91 2.28 9.96
C ILE A 36 9.22 3.54 9.14
N PRO A 37 9.82 4.53 9.80
CA PRO A 37 10.00 5.89 9.24
C PRO A 37 11.18 6.00 8.27
N ARG A 38 11.35 4.98 7.44
CA ARG A 38 12.37 4.97 6.40
C ARG A 38 11.83 4.27 5.16
N ILE A 39 12.43 4.57 4.01
CA ILE A 39 12.08 3.91 2.74
C ILE A 39 12.83 2.59 2.60
N CYS A 40 12.22 1.51 3.08
CA CYS A 40 12.80 0.18 3.00
C CYS A 40 12.93 -0.26 1.54
N SER A 41 14.18 -0.33 1.07
CA SER A 41 14.48 -0.48 -0.35
C SER A 41 15.44 -1.63 -0.61
N LYS A 42 15.59 -2.51 0.37
CA LYS A 42 16.49 -3.66 0.26
C LYS A 42 16.23 -4.50 -0.99
N GLY A 43 17.24 -4.63 -1.83
CA GLY A 43 17.15 -5.49 -3.00
C GLY A 43 16.52 -4.82 -4.22
N LYS A 44 16.22 -3.53 -4.12
CA LYS A 44 15.55 -2.83 -5.22
C LYS A 44 16.43 -1.77 -5.86
N ARG A 45 16.46 -1.73 -7.19
CA ARG A 45 17.13 -0.66 -7.90
C ARG A 45 16.37 0.64 -7.66
N THR A 46 16.95 1.49 -6.82
CA THR A 46 16.28 2.68 -6.31
C THR A 46 16.93 3.96 -6.85
N VAL A 47 16.10 4.96 -7.14
CA VAL A 47 16.59 6.28 -7.54
C VAL A 47 15.90 7.35 -6.70
N ASP A 48 16.69 8.04 -5.88
CA ASP A 48 16.21 9.18 -5.10
C ASP A 48 16.53 10.46 -5.89
N LEU A 49 15.48 11.12 -6.39
CA LEU A 49 15.65 12.28 -7.28
C LEU A 49 16.17 13.55 -6.59
N GLY A 50 16.07 13.61 -5.27
CA GLY A 50 16.49 14.78 -4.52
C GLY A 50 15.94 16.09 -5.07
N GLN A 51 16.82 16.87 -5.67
CA GLN A 51 16.48 18.21 -6.15
C GLN A 51 16.04 18.20 -7.61
N CYS A 52 16.31 17.10 -8.31
CA CYS A 52 15.81 16.94 -9.66
C CYS A 52 14.31 16.61 -9.61
N GLY A 53 13.50 17.39 -10.31
CA GLY A 53 12.09 17.06 -10.44
C GLY A 53 11.92 15.97 -11.48
N LEU A 54 10.93 15.11 -11.29
CA LEU A 54 10.69 13.98 -12.19
C LEU A 54 10.55 14.41 -13.65
N LEU A 55 9.85 15.51 -13.91
CA LEU A 55 9.67 15.99 -15.28
C LEU A 55 10.97 16.61 -15.82
N GLY A 56 11.81 17.12 -14.92
CA GLY A 56 13.13 17.58 -15.27
C GLY A 56 14.03 16.53 -15.89
N THR A 57 13.82 15.26 -15.53
CA THR A 57 14.60 14.18 -16.13
C THR A 57 14.41 14.12 -17.64
N ILE A 58 13.30 14.67 -18.12
CA ILE A 58 13.02 14.66 -19.56
C ILE A 58 13.61 15.86 -20.29
N THR A 59 13.50 17.04 -19.67
CA THR A 59 13.94 18.29 -20.29
C THR A 59 15.41 18.59 -19.99
N GLY A 60 15.83 18.30 -18.77
CA GLY A 60 17.22 18.43 -18.38
C GLY A 60 17.74 19.72 -17.78
N PRO A 61 17.08 20.24 -16.72
CA PRO A 61 17.72 21.34 -16.00
C PRO A 61 18.89 20.79 -15.19
N PRO A 62 19.85 21.65 -14.79
CA PRO A 62 21.09 21.21 -14.14
C PRO A 62 20.92 20.27 -12.95
N GLN A 63 19.85 20.44 -12.16
CA GLN A 63 19.50 19.50 -11.09
C GLN A 63 19.39 18.07 -11.60
N CYS A 64 19.04 17.92 -12.88
CA CYS A 64 18.73 16.61 -13.45
C CYS A 64 19.80 16.05 -14.39
N ASP A 65 20.96 16.68 -14.42
CA ASP A 65 22.05 16.25 -15.30
C ASP A 65 22.49 14.80 -15.07
N GLN A 66 22.38 14.33 -13.82
CA GLN A 66 22.78 12.96 -13.50
C GLN A 66 21.60 11.99 -13.54
N PHE A 67 20.47 12.45 -14.09
CA PHE A 67 19.25 11.65 -14.09
C PHE A 67 18.62 11.57 -15.49
N LEU A 68 19.35 12.03 -16.50
CA LEU A 68 18.83 12.11 -17.87
C LEU A 68 18.50 10.73 -18.47
N GLU A 69 19.05 9.68 -17.88
CA GLU A 69 18.88 8.30 -18.37
C GLU A 69 18.82 7.27 -17.25
N PHE A 70 18.12 7.60 -16.18
CA PHE A 70 18.09 6.73 -15.01
C PHE A 70 17.38 5.39 -15.27
N SER A 71 17.66 4.42 -14.41
CA SER A 71 17.07 3.09 -14.52
C SER A 71 16.72 2.64 -13.10
N ALA A 72 15.45 2.30 -12.86
CA ALA A 72 14.97 2.01 -11.50
C ALA A 72 13.80 1.05 -11.38
N ASP A 73 13.71 0.38 -10.23
CA ASP A 73 12.52 -0.33 -9.84
C ASP A 73 11.66 0.60 -8.98
N LEU A 74 12.34 1.49 -8.25
CA LEU A 74 11.68 2.39 -7.32
C LEU A 74 12.18 3.83 -7.47
N ILE A 75 11.27 4.74 -7.79
CA ILE A 75 11.62 6.15 -7.97
C ILE A 75 11.08 6.96 -6.79
N ILE A 76 11.95 7.76 -6.16
CA ILE A 76 11.55 8.60 -5.03
C ILE A 76 11.57 10.09 -5.37
N GLU A 77 10.40 10.73 -5.34
CA GLU A 77 10.31 12.17 -5.54
C GLU A 77 10.47 12.87 -4.19
N ARG A 78 11.13 14.04 -4.22
CA ARG A 78 11.40 14.80 -3.00
C ARG A 78 10.75 16.18 -3.11
N ARG A 79 10.35 16.74 -1.97
CA ARG A 79 9.73 18.06 -1.93
C ARG A 79 10.63 19.17 -2.52
N GLU A 80 11.94 19.03 -2.33
CA GLU A 80 12.89 20.04 -2.81
C GLU A 80 13.17 19.95 -4.31
N GLY A 81 12.56 18.98 -4.99
CA GLY A 81 12.79 18.77 -6.41
C GLY A 81 12.12 19.79 -7.30
N SER A 82 12.77 20.14 -8.40
CA SER A 82 12.22 21.07 -9.37
C SER A 82 12.39 20.57 -10.80
N ASP A 83 11.34 20.70 -11.61
CA ASP A 83 11.36 20.27 -13.01
C ASP A 83 11.99 21.34 -13.90
N VAL A 84 12.44 22.42 -13.28
CA VAL A 84 12.61 23.67 -14.00
C VAL A 84 13.83 24.48 -13.55
N CYS A 85 14.57 25.02 -14.51
CA CYS A 85 15.54 26.06 -14.20
C CYS A 85 14.94 27.40 -14.62
N TYR A 86 14.76 27.60 -15.91
CA TYR A 86 14.02 28.74 -16.41
C TYR A 86 12.56 28.52 -16.09
N PRO A 87 11.90 29.50 -15.44
CA PRO A 87 10.52 29.35 -14.96
C PRO A 87 9.54 28.96 -16.06
N GLY A 88 8.63 28.05 -15.71
CA GLY A 88 7.66 27.54 -16.65
C GLY A 88 6.94 26.34 -16.06
N LYS A 89 6.17 25.64 -16.88
CA LYS A 89 5.48 24.43 -16.41
C LYS A 89 4.96 23.59 -17.56
N PHE A 90 4.57 22.34 -17.24
CA PHE A 90 4.08 21.39 -18.23
C PHE A 90 2.56 21.37 -18.30
N VAL A 91 2.03 21.19 -19.51
CA VAL A 91 0.61 20.97 -19.72
C VAL A 91 0.33 19.48 -19.51
N ASN A 92 -0.73 19.16 -18.78
CA ASN A 92 -0.99 17.78 -18.33
C ASN A 92 0.24 17.19 -17.65
N GLU A 93 0.71 17.89 -16.63
CA GLU A 93 1.94 17.54 -15.94
C GLU A 93 1.81 16.27 -15.12
N GLU A 94 0.64 16.07 -14.51
CA GLU A 94 0.47 14.95 -13.57
C GLU A 94 0.33 13.61 -14.28
N ALA A 95 -0.34 13.62 -15.42
CA ALA A 95 -0.43 12.44 -16.27
C ALA A 95 0.99 11.97 -16.60
N LEU A 96 1.83 12.91 -17.00
CA LEU A 96 3.22 12.62 -17.33
C LEU A 96 3.98 12.02 -16.14
N ARG A 97 3.78 12.55 -14.95
CA ARG A 97 4.47 12.01 -13.78
C ARG A 97 4.09 10.55 -13.57
N GLN A 98 2.80 10.25 -13.63
CA GLN A 98 2.31 8.90 -13.43
C GLN A 98 2.92 7.96 -14.48
N ILE A 99 3.14 8.48 -15.67
CA ILE A 99 3.80 7.71 -16.73
C ILE A 99 5.25 7.45 -16.32
N LEU A 100 5.96 8.52 -15.98
CA LEU A 100 7.36 8.42 -15.58
C LEU A 100 7.56 7.57 -14.33
N ARG A 101 6.56 7.58 -13.41
CA ARG A 101 6.65 6.79 -12.17
C ARG A 101 6.68 5.27 -12.40
N GLU A 102 5.99 4.81 -13.45
CA GLU A 102 5.92 3.37 -13.71
C GLU A 102 6.70 2.98 -14.96
N SER A 103 7.75 3.74 -15.25
CA SER A 103 8.47 3.61 -16.51
C SER A 103 9.69 2.71 -16.43
N GLY A 104 10.22 2.51 -15.23
CA GLY A 104 11.48 1.79 -15.08
C GLY A 104 12.66 2.66 -15.46
N GLY A 105 12.40 3.95 -15.68
CA GLY A 105 13.45 4.85 -16.13
C GLY A 105 13.40 5.12 -17.62
N ILE A 106 14.33 5.94 -18.08
CA ILE A 106 14.30 6.44 -19.45
C ILE A 106 15.61 6.23 -20.21
N ASP A 107 15.48 5.97 -21.50
CA ASP A 107 16.61 5.95 -22.42
C ASP A 107 16.46 7.14 -23.37
N LYS A 108 17.55 7.84 -23.66
CA LYS A 108 17.48 9.01 -24.54
C LYS A 108 17.98 8.68 -25.94
N GLU A 109 17.45 9.38 -26.94
CA GLU A 109 17.88 9.20 -28.32
C GLU A 109 17.78 10.48 -29.13
N ALA A 110 18.88 10.82 -29.82
CA ALA A 110 18.91 12.00 -30.68
C ALA A 110 17.82 11.95 -31.74
N MET A 111 17.13 13.06 -31.93
CA MET A 111 16.07 13.15 -32.93
C MET A 111 16.62 13.64 -34.27
N GLY A 112 17.89 14.07 -34.26
CA GLY A 112 18.63 14.32 -35.49
C GLY A 112 18.46 15.68 -36.11
N PHE A 113 17.54 16.50 -35.58
CA PHE A 113 17.24 17.81 -36.14
C PHE A 113 18.47 18.68 -36.39
N THR A 114 18.63 19.13 -37.63
CA THR A 114 19.72 20.04 -38.00
C THR A 114 19.13 21.40 -38.38
N TYR A 115 19.85 22.47 -38.04
CA TYR A 115 19.35 23.81 -38.31
C TYR A 115 20.27 24.64 -39.19
N SER A 116 19.66 25.46 -40.05
CA SER A 116 20.38 26.33 -40.96
C SER A 116 19.67 27.67 -41.06
N GLY A 117 20.40 28.75 -40.86
CA GLY A 117 19.82 30.08 -41.00
C GLY A 117 19.11 30.63 -39.78
N ILE A 118 19.36 30.04 -38.61
CA ILE A 118 18.92 30.61 -37.33
C ILE A 118 19.99 30.40 -36.27
N ARG A 119 19.83 31.04 -35.12
CA ARG A 119 20.69 30.74 -33.97
C ARG A 119 20.20 29.46 -33.24
N THR A 120 20.96 28.98 -32.26
CA THR A 120 20.70 27.64 -31.72
C THR A 120 21.14 27.48 -30.27
N ASN A 121 21.93 28.44 -29.78
CA ASN A 121 22.59 28.33 -28.48
C ASN A 121 22.00 29.23 -27.41
N GLY A 122 20.71 29.52 -27.50
CA GLY A 122 20.03 30.35 -26.51
C GLY A 122 20.15 29.86 -25.09
N ALA A 123 20.60 30.73 -24.18
CA ALA A 123 20.81 30.36 -22.78
C ALA A 123 20.29 31.40 -21.78
N THR A 124 20.56 31.18 -20.49
CA THR A 124 20.06 32.04 -19.42
C THR A 124 20.83 31.84 -18.11
N SER A 125 20.77 32.82 -17.21
CA SER A 125 21.39 32.70 -15.90
C SER A 125 20.52 31.94 -14.89
N ALA A 126 19.33 31.52 -15.35
CA ALA A 126 18.46 30.67 -14.53
C ALA A 126 18.92 29.22 -14.58
N CYS A 127 19.63 28.87 -15.65
CA CYS A 127 20.19 27.53 -15.81
C CYS A 127 21.71 27.58 -15.75
N ARG A 128 22.26 27.60 -14.53
CA ARG A 128 23.72 27.71 -14.36
C ARG A 128 24.44 26.37 -14.56
N ARG A 129 25.50 26.39 -15.38
CA ARG A 129 26.46 25.29 -15.41
C ARG A 129 27.86 25.86 -15.27
N SER A 130 28.58 25.97 -16.37
CA SER A 130 29.78 26.79 -16.39
C SER A 130 29.35 28.19 -16.00
N GLY A 131 28.68 28.86 -16.93
CA GLY A 131 27.97 30.10 -16.65
C GLY A 131 26.51 29.92 -17.03
N SER A 132 26.02 30.74 -17.94
CA SER A 132 24.64 30.63 -18.39
C SER A 132 24.44 29.47 -19.34
N SER A 133 23.44 28.64 -19.07
CA SER A 133 23.13 27.49 -19.93
C SER A 133 21.62 27.36 -20.19
N PHE A 134 21.16 26.15 -20.51
CA PHE A 134 19.76 25.91 -20.83
C PHE A 134 19.44 24.45 -20.49
N TYR A 135 18.19 24.05 -20.67
CA TYR A 135 17.81 22.65 -20.53
C TYR A 135 18.66 21.79 -21.47
N ALA A 136 19.30 20.76 -20.92
CA ALA A 136 20.27 19.95 -21.68
C ALA A 136 19.68 19.14 -22.83
N GLU A 137 18.39 18.87 -22.79
CA GLU A 137 17.76 18.03 -23.81
C GLU A 137 17.00 18.89 -24.80
N MET A 138 17.07 20.20 -24.64
CA MET A 138 16.25 21.11 -25.43
C MET A 138 17.10 22.15 -26.15
N LYS A 139 16.50 22.79 -27.16
CA LYS A 139 17.22 23.75 -27.99
C LYS A 139 16.48 25.08 -28.06
N TRP A 140 17.07 26.13 -27.50
CA TRP A 140 16.47 27.45 -27.58
C TRP A 140 16.76 28.07 -28.95
N LEU A 141 15.82 27.89 -29.87
CA LEU A 141 15.96 28.36 -31.24
C LEU A 141 15.65 29.86 -31.38
N LEU A 142 16.49 30.56 -32.15
CA LEU A 142 16.46 32.02 -32.16
C LEU A 142 16.66 32.60 -33.57
N SER A 143 16.23 33.83 -33.79
CA SER A 143 16.60 34.55 -35.01
C SER A 143 18.09 34.85 -34.98
N ASN A 144 18.73 34.80 -36.16
CA ASN A 144 20.19 34.95 -36.29
C ASN A 144 20.79 36.14 -35.56
N THR A 145 20.18 37.30 -35.69
CA THR A 145 20.72 38.50 -35.07
C THR A 145 19.82 39.06 -33.98
N ASP A 146 20.32 40.09 -33.31
CA ASP A 146 19.67 40.72 -32.17
C ASP A 146 18.35 41.41 -32.54
N ASN A 147 17.95 41.25 -33.80
CA ASN A 147 16.55 41.33 -34.23
C ASN A 147 16.31 40.24 -35.27
N ALA A 148 16.51 40.58 -36.55
CA ALA A 148 16.33 39.67 -37.68
C ALA A 148 14.94 39.02 -37.73
N ALA A 149 14.83 37.91 -38.45
CA ALA A 149 13.56 37.22 -38.65
C ALA A 149 13.72 35.71 -38.57
N PHE A 150 12.60 35.00 -38.54
CA PHE A 150 12.64 33.56 -38.35
C PHE A 150 11.91 32.87 -39.49
N PRO A 151 12.65 32.11 -40.30
CA PRO A 151 12.07 31.42 -41.46
C PRO A 151 11.16 30.31 -40.96
N GLN A 152 9.88 30.33 -41.34
CA GLN A 152 8.96 29.28 -40.91
C GLN A 152 9.49 27.91 -41.32
N MET A 153 9.98 27.16 -40.35
CA MET A 153 10.64 25.89 -40.61
C MET A 153 9.70 24.71 -40.44
N THR A 154 10.20 23.55 -40.80
CA THR A 154 9.51 22.29 -40.54
C THR A 154 10.55 21.24 -40.19
N LYS A 155 10.39 20.62 -39.02
CA LYS A 155 11.23 19.51 -38.62
C LYS A 155 10.33 18.30 -38.40
N SER A 156 10.82 17.11 -38.78
CA SER A 156 10.03 15.90 -38.60
C SER A 156 10.90 14.80 -38.01
N TYR A 157 10.32 14.02 -37.08
CA TYR A 157 11.05 12.92 -36.48
C TYR A 157 10.20 11.65 -36.50
N LYS A 158 10.79 10.57 -37.01
CA LYS A 158 10.10 9.29 -37.12
C LYS A 158 10.58 8.34 -36.04
N ASN A 159 9.64 7.82 -35.25
CA ASN A 159 9.97 6.79 -34.28
C ASN A 159 10.26 5.47 -34.98
N THR A 160 11.54 5.15 -35.08
CA THR A 160 11.99 3.93 -35.73
C THR A 160 12.27 2.85 -34.70
N ARG A 161 11.60 2.97 -33.56
CA ARG A 161 11.78 2.06 -32.44
C ARG A 161 10.51 1.27 -32.23
N LYS A 162 10.59 0.20 -31.45
CA LYS A 162 9.42 -0.66 -31.23
C LYS A 162 8.58 -0.19 -30.04
N SER A 163 8.85 1.02 -29.57
CA SER A 163 8.15 1.57 -28.41
C SER A 163 7.78 3.03 -28.63
N PRO A 164 6.78 3.52 -27.89
CA PRO A 164 6.38 4.94 -28.02
C PRO A 164 7.50 5.92 -27.66
N ALA A 165 7.70 6.95 -28.50
CA ALA A 165 8.73 7.97 -28.25
C ALA A 165 8.17 9.23 -27.59
N LEU A 166 8.50 9.44 -26.32
CA LEU A 166 8.08 10.64 -25.59
C LEU A 166 8.74 11.89 -26.18
N ILE A 167 7.94 12.70 -26.87
CA ILE A 167 8.44 13.93 -27.47
C ILE A 167 8.02 15.11 -26.60
N VAL A 168 8.92 16.08 -26.41
CA VAL A 168 8.65 17.26 -25.58
C VAL A 168 9.20 18.51 -26.25
N TRP A 169 8.38 19.55 -26.34
CA TRP A 169 8.86 20.85 -26.84
C TRP A 169 8.40 21.96 -25.91
N GLY A 170 8.86 23.18 -26.18
CA GLY A 170 8.46 24.30 -25.36
C GLY A 170 7.98 25.49 -26.18
N ILE A 171 7.05 26.24 -25.61
CA ILE A 171 6.66 27.52 -26.19
C ILE A 171 7.17 28.60 -25.26
N HIS A 172 7.95 29.54 -25.81
CA HIS A 172 8.51 30.62 -24.99
C HIS A 172 7.61 31.84 -25.01
N HIS A 173 7.24 32.31 -23.81
CA HIS A 173 6.49 33.54 -23.69
C HIS A 173 7.39 34.63 -23.10
N SER A 174 7.70 35.62 -23.92
CA SER A 174 8.58 36.73 -23.56
C SER A 174 7.88 37.78 -22.68
N VAL A 175 8.68 38.61 -22.02
CA VAL A 175 8.16 39.67 -21.14
C VAL A 175 7.25 40.65 -21.89
N SER A 176 7.49 40.78 -23.19
CA SER A 176 6.80 41.78 -24.00
C SER A 176 6.69 41.37 -25.47
N THR A 177 6.05 42.23 -26.27
CA THR A 177 6.08 42.11 -27.73
C THR A 177 7.41 42.64 -28.25
N ALA A 178 7.98 43.59 -27.50
CA ALA A 178 9.32 44.09 -27.80
C ALA A 178 10.34 42.96 -27.72
N GLU A 179 10.30 42.21 -26.62
CA GLU A 179 11.24 41.10 -26.44
C GLU A 179 11.01 39.98 -27.46
N GLN A 180 9.76 39.67 -27.75
CA GLN A 180 9.43 38.58 -28.67
C GLN A 180 10.02 38.82 -30.06
N THR A 181 10.08 40.09 -30.48
CA THR A 181 10.64 40.46 -31.77
C THR A 181 12.18 40.51 -31.76
N LYS A 182 12.72 41.02 -30.66
CA LYS A 182 14.17 41.07 -30.47
C LYS A 182 14.77 39.66 -30.42
N LEU A 183 13.92 38.68 -30.15
CA LEU A 183 14.31 37.27 -30.16
C LEU A 183 13.97 36.59 -31.50
N TYR A 184 12.71 36.67 -31.91
CA TYR A 184 12.22 35.89 -33.06
C TYR A 184 11.69 36.74 -34.22
N GLY A 185 11.94 38.05 -34.20
CA GLY A 185 11.35 38.95 -35.18
C GLY A 185 9.86 39.17 -34.95
N SER A 186 9.24 39.95 -35.83
CA SER A 186 7.86 40.40 -35.61
C SER A 186 6.79 39.47 -36.18
N GLY A 187 5.53 39.75 -35.83
CA GLY A 187 4.39 39.02 -36.37
C GLY A 187 3.85 37.94 -35.46
N ASN A 188 2.57 37.60 -35.61
CA ASN A 188 1.96 36.52 -34.84
C ASN A 188 2.66 35.20 -35.11
N LYS A 189 3.38 34.67 -34.11
CA LYS A 189 4.18 33.46 -34.30
C LYS A 189 3.33 32.21 -34.02
N LEU A 190 3.52 31.15 -34.81
CA LEU A 190 2.69 29.94 -34.68
C LEU A 190 3.48 28.63 -34.73
N VAL A 191 3.21 27.74 -33.77
CA VAL A 191 3.77 26.39 -33.78
C VAL A 191 2.65 25.36 -33.93
N THR A 192 2.72 24.54 -34.97
CA THR A 192 1.74 23.47 -35.17
C THR A 192 2.41 22.11 -34.99
N VAL A 193 1.67 21.17 -34.42
CA VAL A 193 2.19 19.85 -34.08
C VAL A 193 1.16 18.76 -34.38
N GLY A 194 1.57 17.76 -35.17
CA GLY A 194 0.67 16.69 -35.54
C GLY A 194 1.35 15.35 -35.76
N SER A 195 0.68 14.27 -35.33
CA SER A 195 1.10 12.92 -35.68
C SER A 195 -0.11 12.13 -36.18
N SER A 196 0.12 10.96 -36.76
CA SER A 196 -0.99 10.06 -37.14
C SER A 196 -1.65 9.51 -35.87
N ASN A 197 -2.24 10.41 -35.09
CA ASN A 197 -2.69 10.15 -33.73
C ASN A 197 -3.05 11.46 -33.05
N TYR A 198 -2.26 12.50 -33.35
CA TYR A 198 -2.25 13.74 -32.59
C TYR A 198 -2.44 14.97 -33.47
N GLN A 199 -2.90 16.06 -32.87
CA GLN A 199 -3.41 17.21 -33.62
C GLN A 199 -3.53 18.44 -32.72
N GLN A 200 -2.53 19.31 -32.75
CA GLN A 200 -2.56 20.54 -31.96
C GLN A 200 -1.72 21.69 -32.51
N SER A 201 -1.76 22.83 -31.83
CA SER A 201 -1.17 24.06 -32.38
C SER A 201 -1.08 25.18 -31.34
N PHE A 202 -0.08 26.06 -31.49
CA PHE A 202 0.25 27.02 -30.44
C PHE A 202 0.70 28.39 -30.95
N VAL A 203 0.27 29.42 -30.23
CA VAL A 203 0.71 30.80 -30.45
C VAL A 203 1.25 31.25 -29.09
N PRO A 204 2.39 31.99 -29.08
CA PRO A 204 2.88 32.45 -27.78
C PRO A 204 1.95 33.50 -27.19
N SER A 205 2.27 33.96 -26.00
CA SER A 205 1.46 34.98 -25.34
C SER A 205 2.33 35.81 -24.42
N PRO A 206 3.04 36.79 -25.00
CA PRO A 206 3.98 37.63 -24.25
C PRO A 206 3.27 38.61 -23.32
N GLY A 207 3.99 39.05 -22.28
CA GLY A 207 3.44 39.87 -21.22
C GLY A 207 4.29 39.68 -19.99
N ALA A 208 4.28 40.66 -19.08
CA ALA A 208 5.09 40.57 -17.87
C ALA A 208 4.46 39.68 -16.79
N ARG A 209 5.15 38.60 -16.43
CA ARG A 209 4.78 37.76 -15.27
C ARG A 209 5.67 38.14 -14.09
N PRO A 210 5.28 37.74 -12.86
CA PRO A 210 6.20 38.02 -11.74
C PRO A 210 7.51 37.25 -11.87
N GLN A 211 8.54 37.66 -11.15
CA GLN A 211 9.86 37.05 -11.29
C GLN A 211 10.01 35.73 -10.53
N VAL A 212 10.32 34.67 -11.28
CA VAL A 212 10.67 33.37 -10.70
C VAL A 212 12.08 33.01 -11.15
N ASN A 213 12.97 32.73 -10.19
CA ASN A 213 14.40 32.53 -10.45
C ASN A 213 15.03 33.72 -11.15
N GLY A 214 14.58 34.91 -10.79
CA GLY A 214 15.06 36.15 -11.40
C GLY A 214 14.57 36.38 -12.81
N GLN A 215 13.51 35.67 -13.22
CA GLN A 215 13.03 35.77 -14.59
C GLN A 215 11.51 36.00 -14.69
N SER A 216 11.11 36.89 -15.60
CA SER A 216 9.70 37.27 -15.77
C SER A 216 9.04 36.65 -17.00
N GLY A 217 9.84 35.99 -17.84
CA GLY A 217 9.28 35.23 -18.94
C GLY A 217 8.94 33.82 -18.48
N ARG A 218 8.15 33.11 -19.27
CA ARG A 218 7.83 31.71 -18.97
C ARG A 218 8.07 30.80 -20.19
N ILE A 219 8.35 29.52 -19.92
CA ILE A 219 8.36 28.51 -20.97
C ILE A 219 7.23 27.48 -20.78
N ASP A 220 6.35 27.37 -21.77
CA ASP A 220 5.29 26.38 -21.73
C ASP A 220 5.79 25.04 -22.29
N PHE A 221 5.83 24.01 -21.46
CA PHE A 221 6.23 22.67 -21.92
C PHE A 221 5.04 21.79 -22.29
N HIS A 222 5.10 21.20 -23.48
CA HIS A 222 4.07 20.28 -23.96
C HIS A 222 4.73 18.99 -24.37
N TRP A 223 3.94 17.93 -24.52
CA TRP A 223 4.47 16.61 -24.85
C TRP A 223 3.46 15.73 -25.54
N LEU A 224 3.96 14.73 -26.27
CA LEU A 224 3.11 13.68 -26.84
C LEU A 224 3.89 12.38 -26.98
N MET A 225 3.17 11.27 -26.95
CA MET A 225 3.77 9.95 -27.13
C MET A 225 3.62 9.47 -28.58
N LEU A 226 4.74 9.44 -29.31
CA LEU A 226 4.75 8.98 -30.71
C LEU A 226 4.80 7.46 -30.79
N ASN A 227 3.76 6.85 -31.36
CA ASN A 227 3.75 5.39 -31.59
C ASN A 227 4.81 4.97 -32.61
N PRO A 228 5.24 3.70 -32.58
CA PRO A 228 6.24 3.19 -33.53
C PRO A 228 5.82 3.38 -34.98
N ASN A 229 6.78 3.70 -35.85
CA ASN A 229 6.52 3.97 -37.28
C ASN A 229 5.62 5.17 -37.56
N ASP A 230 5.03 5.76 -36.53
CA ASP A 230 4.31 7.01 -36.67
C ASP A 230 5.32 8.15 -36.70
N THR A 231 5.00 9.22 -37.41
CA THR A 231 5.87 10.39 -37.51
C THR A 231 5.19 11.61 -36.91
N VAL A 232 5.98 12.49 -36.29
CA VAL A 232 5.50 13.75 -35.74
C VAL A 232 6.10 14.92 -36.54
N THR A 233 5.35 16.00 -36.72
CA THR A 233 5.85 17.14 -37.49
C THR A 233 5.67 18.48 -36.79
N PHE A 234 6.77 19.24 -36.73
CA PHE A 234 6.80 20.53 -36.06
C PHE A 234 6.86 21.69 -37.07
N SER A 235 5.71 22.30 -37.34
CA SER A 235 5.67 23.52 -38.16
C SER A 235 5.70 24.73 -37.25
N PHE A 236 6.77 25.51 -37.34
CA PHE A 236 6.96 26.66 -36.45
C PHE A 236 7.66 27.84 -37.13
N ASN A 237 7.79 28.93 -36.39
CA ASN A 237 8.30 30.19 -36.93
C ASN A 237 8.83 31.10 -35.84
N GLY A 238 9.05 30.54 -34.65
CA GLY A 238 9.52 31.30 -33.50
C GLY A 238 8.81 30.94 -32.21
N ALA A 239 9.26 31.56 -31.12
CA ALA A 239 8.73 31.29 -29.78
C ALA A 239 8.78 29.80 -29.42
N PHE A 240 9.83 29.13 -29.89
CA PHE A 240 9.87 27.66 -29.90
C PHE A 240 11.13 27.04 -29.26
N ILE A 241 10.91 26.17 -28.27
CA ILE A 241 12.00 25.43 -27.65
C ILE A 241 12.04 24.02 -28.24
N ALA A 242 13.01 23.77 -29.12
CA ALA A 242 13.09 22.51 -29.86
C ALA A 242 13.56 21.33 -29.02
N PRO A 243 12.90 20.18 -29.19
CA PRO A 243 13.41 18.94 -28.59
C PRO A 243 14.71 18.53 -29.27
N ASP A 244 15.77 18.36 -28.49
CA ASP A 244 17.02 17.84 -29.03
C ASP A 244 17.04 16.30 -28.96
N ARG A 245 16.55 15.73 -27.86
CA ARG A 245 16.49 14.28 -27.68
C ARG A 245 15.10 13.77 -27.29
N ALA A 246 14.78 12.54 -27.71
CA ALA A 246 13.54 11.89 -27.31
C ALA A 246 13.78 10.88 -26.20
N SER A 247 12.71 10.42 -25.57
CA SER A 247 12.85 9.53 -24.42
C SER A 247 12.03 8.26 -24.60
N PHE A 248 12.58 7.13 -24.15
CA PHE A 248 11.86 5.86 -24.24
C PHE A 248 11.77 5.22 -22.87
N LEU A 249 10.65 4.56 -22.59
CA LEU A 249 10.46 3.90 -21.31
C LEU A 249 11.30 2.61 -21.27
N ARG A 250 11.96 2.37 -20.14
CA ARG A 250 12.81 1.18 -19.98
C ARG A 250 12.00 -0.08 -19.66
N GLY A 251 11.00 0.06 -18.82
CA GLY A 251 10.18 -1.07 -18.42
C GLY A 251 9.14 -0.76 -17.37
N LYS A 252 9.39 -1.23 -16.15
CA LYS A 252 8.42 -1.13 -15.06
C LYS A 252 9.06 -0.61 -13.77
N SER A 253 8.32 0.23 -13.05
CA SER A 253 8.74 0.71 -11.74
C SER A 253 7.54 1.21 -10.95
N MET A 254 7.80 1.60 -9.71
CA MET A 254 6.80 2.25 -8.88
C MET A 254 7.41 3.54 -8.39
N GLY A 255 6.60 4.60 -8.36
CA GLY A 255 7.08 5.89 -7.90
C GLY A 255 6.36 6.32 -6.63
N ILE A 256 7.11 6.88 -5.68
CA ILE A 256 6.53 7.39 -4.44
C ILE A 256 7.02 8.80 -4.14
N GLN A 257 6.37 9.43 -3.17
CA GLN A 257 6.80 10.74 -2.67
C GLN A 257 7.04 10.59 -1.18
N SER A 258 8.21 11.00 -0.69
CA SER A 258 8.59 10.78 0.70
C SER A 258 9.54 11.84 1.24
N GLY A 259 9.50 12.03 2.56
CA GLY A 259 10.43 12.94 3.22
C GLY A 259 11.38 12.22 4.15
N VAL A 260 11.35 10.88 4.13
CA VAL A 260 12.24 10.08 4.96
C VAL A 260 13.33 9.37 4.14
N GLN A 261 14.36 8.90 4.82
CA GLN A 261 15.57 8.40 4.15
C GLN A 261 15.52 6.93 3.72
N VAL A 262 16.41 6.58 2.79
CA VAL A 262 16.50 5.22 2.23
C VAL A 262 17.19 4.26 3.19
N ASP A 263 16.69 3.02 3.28
CA ASP A 263 17.32 2.01 4.11
C ASP A 263 17.40 0.70 3.34
N ALA A 264 18.61 0.30 2.98
CA ALA A 264 18.82 -0.94 2.24
C ALA A 264 18.93 -2.13 3.17
N ASN A 265 18.61 -1.92 4.44
CA ASN A 265 18.62 -2.98 5.46
C ASN A 265 17.24 -3.58 5.73
N CYS A 266 16.19 -2.92 5.25
CA CYS A 266 14.83 -3.45 5.39
C CYS A 266 14.13 -3.55 4.04
N GLU A 267 13.38 -4.64 3.85
CA GLU A 267 12.59 -4.82 2.63
C GLU A 267 11.13 -4.40 2.81
N GLY A 268 10.63 -3.54 1.93
CA GLY A 268 9.25 -3.12 1.97
C GLY A 268 8.57 -3.16 0.62
N ASP A 269 7.24 -3.20 0.63
CA ASP A 269 6.43 -3.22 -0.60
C ASP A 269 5.26 -2.28 -0.49
N CYS A 270 5.04 -1.78 0.72
CA CYS A 270 3.97 -0.83 0.96
C CYS A 270 4.56 0.48 1.46
N TYR A 271 4.47 1.50 0.63
CA TYR A 271 5.08 2.78 0.94
C TYR A 271 4.09 3.91 1.13
N HIS A 272 4.52 4.91 1.91
CA HIS A 272 3.84 6.20 1.96
C HIS A 272 4.86 7.28 2.32
N SER A 273 4.40 8.51 2.44
CA SER A 273 5.27 9.68 2.64
C SER A 273 6.16 9.60 3.89
N GLY A 274 5.66 8.96 4.94
CA GLY A 274 6.39 8.88 6.19
C GLY A 274 7.13 7.58 6.40
N GLY A 275 7.22 6.75 5.36
CA GLY A 275 7.98 5.51 5.46
C GLY A 275 7.38 4.27 4.83
N THR A 276 7.61 3.13 5.50
CA THR A 276 7.24 1.83 4.96
C THR A 276 6.36 1.06 5.92
N ILE A 277 5.30 0.46 5.39
CA ILE A 277 4.44 -0.38 6.21
C ILE A 277 4.81 -1.83 5.94
N ILE A 278 5.49 -2.46 6.89
CA ILE A 278 5.80 -3.88 6.81
C ILE A 278 4.89 -4.68 7.75
N SER A 279 3.96 -5.44 7.18
CA SER A 279 2.91 -6.11 7.95
C SER A 279 2.28 -7.27 7.21
N ASN A 280 1.74 -8.22 7.96
CA ASN A 280 0.94 -9.29 7.39
C ASN A 280 -0.56 -9.06 7.59
N LEU A 281 -0.89 -8.07 8.43
CA LEU A 281 -2.27 -7.79 8.79
C LEU A 281 -3.09 -7.34 7.58
N PRO A 282 -4.38 -7.71 7.54
CA PRO A 282 -5.22 -7.39 6.38
C PRO A 282 -5.56 -5.89 6.29
N PHE A 283 -5.37 -5.16 7.38
CA PHE A 283 -5.79 -3.76 7.45
C PHE A 283 -4.72 -2.83 8.04
N GLN A 284 -4.82 -1.53 7.75
CA GLN A 284 -3.93 -0.51 8.33
C GLN A 284 -4.65 0.82 8.56
N ASN A 285 -4.19 1.56 9.57
CA ASN A 285 -4.76 2.86 9.94
C ASN A 285 -3.67 3.93 9.88
N ILE A 286 -2.65 3.70 9.07
CA ILE A 286 -1.50 4.59 9.02
C ILE A 286 -1.64 5.71 7.98
N ASP A 287 -1.92 5.34 6.73
CA ASP A 287 -2.07 6.32 5.65
C ASP A 287 -2.96 5.77 4.54
N SER A 288 -4.07 6.45 4.28
CA SER A 288 -5.04 6.01 3.28
C SER A 288 -4.49 6.07 1.84
N ARG A 289 -3.42 6.82 1.64
CA ARG A 289 -2.85 7.01 0.31
C ARG A 289 -1.57 6.19 0.06
N ALA A 290 -1.22 5.35 1.04
CA ALA A 290 -0.11 4.40 0.90
C ALA A 290 -0.18 3.67 -0.44
N VAL A 291 0.97 3.41 -1.06
CA VAL A 291 0.99 2.81 -2.39
C VAL A 291 1.88 1.58 -2.40
N GLY A 292 1.75 0.78 -3.45
CA GLY A 292 2.48 -0.49 -3.53
C GLY A 292 1.56 -1.65 -3.18
N LYS A 293 2.05 -2.59 -2.38
CA LYS A 293 1.24 -3.72 -1.95
C LYS A 293 0.95 -3.61 -0.46
N CYS A 294 -0.24 -3.13 -0.15
CA CYS A 294 -0.58 -2.67 1.19
C CYS A 294 -1.78 -3.39 1.78
N PRO A 295 -1.86 -3.43 3.12
CA PRO A 295 -3.14 -3.84 3.74
C PRO A 295 -4.19 -2.79 3.41
N ARG A 296 -5.48 -3.09 3.50
CA ARG A 296 -6.50 -2.09 3.19
C ARG A 296 -6.60 -1.04 4.30
N TYR A 297 -6.67 0.24 3.92
CA TYR A 297 -6.85 1.27 4.92
C TYR A 297 -8.24 1.19 5.57
N VAL A 298 -8.28 1.24 6.89
CA VAL A 298 -9.54 1.38 7.62
C VAL A 298 -9.48 2.57 8.59
N LYS A 299 -10.63 3.08 9.00
CA LYS A 299 -10.70 4.22 9.91
C LYS A 299 -10.40 3.81 11.35
N GLN A 300 -10.72 2.58 11.71
CA GLN A 300 -10.51 2.10 13.07
C GLN A 300 -9.02 1.97 13.42
N ARG A 301 -8.69 2.41 14.64
CA ARG A 301 -7.35 2.27 15.19
C ARG A 301 -7.04 0.80 15.50
N SER A 302 -8.07 0.06 15.90
CA SER A 302 -7.89 -1.29 16.42
C SER A 302 -9.13 -2.17 16.28
N LEU A 303 -8.92 -3.42 15.88
CA LEU A 303 -9.99 -4.40 15.80
C LEU A 303 -9.43 -5.75 16.23
N LEU A 304 -9.77 -6.16 17.45
CA LEU A 304 -9.16 -7.35 18.07
C LEU A 304 -9.87 -8.65 17.72
N LEU A 305 -9.08 -9.63 17.28
CA LEU A 305 -9.61 -10.92 16.85
C LEU A 305 -9.42 -11.99 17.94
N ALA A 306 -10.52 -12.62 18.34
CA ALA A 306 -10.47 -13.66 19.37
C ALA A 306 -9.60 -14.84 18.92
N THR A 307 -8.67 -15.24 19.79
CA THR A 307 -7.85 -16.43 19.56
C THR A 307 -7.99 -17.40 20.73
N GLY A 308 -9.12 -17.30 21.43
CA GLY A 308 -9.41 -18.13 22.58
C GLY A 308 -10.88 -18.09 22.98
N MET A 309 -11.26 -18.90 23.97
CA MET A 309 -12.63 -18.97 24.46
C MET A 309 -12.95 -17.78 25.35
N LYS A 310 -14.22 -17.68 25.74
CA LYS A 310 -14.63 -16.66 26.70
C LYS A 310 -13.89 -16.89 28.01
N ASN A 311 -13.40 -15.81 28.61
CA ASN A 311 -12.71 -15.92 29.89
C ASN A 311 -13.68 -15.75 31.06
N VAL A 312 -13.90 -16.82 31.81
CA VAL A 312 -14.75 -16.79 33.00
C VAL A 312 -13.96 -17.12 34.26
N PRO A 313 -13.74 -16.12 35.12
CA PRO A 313 -13.07 -16.34 36.41
C PRO A 313 -14.10 -16.65 37.49
N GLU A 314 -13.64 -17.11 38.66
CA GLU A 314 -14.54 -17.39 39.78
C GLU A 314 -14.71 -16.18 40.69
N LEU B 1 -24.45 -21.28 20.07
CA LEU B 1 -23.88 -21.52 21.39
C LEU B 1 -24.43 -22.81 22.03
N PHE B 2 -23.57 -23.51 22.77
CA PHE B 2 -23.87 -24.86 23.22
C PHE B 2 -24.17 -25.00 24.72
N GLY B 3 -23.83 -23.98 25.52
CA GLY B 3 -24.24 -23.94 26.92
C GLY B 3 -23.32 -24.56 27.96
N ALA B 4 -22.02 -24.60 27.66
CA ALA B 4 -21.02 -25.15 28.57
C ALA B 4 -20.14 -24.06 29.21
N ILE B 5 -19.22 -23.50 28.43
CA ILE B 5 -18.40 -22.37 28.87
C ILE B 5 -19.32 -21.16 29.11
N ALA B 6 -19.27 -20.62 30.33
CA ALA B 6 -20.26 -19.66 30.83
C ALA B 6 -21.69 -20.24 30.76
N GLY B 7 -21.77 -21.56 30.66
CA GLY B 7 -23.05 -22.25 30.70
C GLY B 7 -23.32 -22.79 32.10
N PHE B 8 -23.79 -24.02 32.20
CA PHE B 8 -24.05 -24.64 33.51
C PHE B 8 -22.75 -24.75 34.33
N ILE B 9 -21.63 -24.92 33.65
CA ILE B 9 -20.31 -24.83 34.28
C ILE B 9 -20.12 -23.39 34.73
N GLU B 10 -19.94 -23.19 36.04
CA GLU B 10 -19.94 -21.82 36.59
C GLU B 10 -18.73 -20.99 36.17
N ASN B 11 -17.54 -21.61 36.12
CA ASN B 11 -16.33 -20.86 35.79
C ASN B 11 -15.18 -21.70 35.24
N GLY B 12 -14.04 -21.04 35.08
CA GLY B 12 -12.85 -21.69 34.56
C GLY B 12 -11.75 -21.89 35.59
N TRP B 13 -10.73 -22.66 35.21
CA TRP B 13 -9.65 -23.02 36.12
C TRP B 13 -8.35 -22.30 35.77
N GLU B 14 -8.08 -21.23 36.52
CA GLU B 14 -6.91 -20.38 36.27
C GLU B 14 -5.61 -21.04 36.73
N GLY B 15 -5.69 -22.34 37.01
CA GLY B 15 -4.52 -23.14 37.33
C GLY B 15 -4.29 -24.21 36.28
N LEU B 16 -5.26 -24.38 35.38
CA LEU B 16 -5.11 -25.29 34.24
C LEU B 16 -4.30 -24.59 33.14
N ILE B 17 -2.99 -24.84 33.13
CA ILE B 17 -2.07 -24.17 32.22
C ILE B 17 -1.36 -25.19 31.33
N ASP B 18 -1.93 -26.39 31.27
CA ASP B 18 -1.38 -27.49 30.47
C ASP B 18 -2.18 -27.68 29.19
N GLY B 19 -3.34 -27.02 29.13
CA GLY B 19 -4.22 -27.11 27.97
C GLY B 19 -5.50 -26.31 28.16
N TRP B 20 -6.42 -26.42 27.20
CA TRP B 20 -7.68 -25.68 27.22
C TRP B 20 -8.76 -26.42 27.99
N TYR B 21 -8.84 -27.72 27.76
CA TYR B 21 -9.82 -28.58 28.44
C TYR B 21 -9.12 -29.69 29.20
N GLY B 22 -9.54 -29.93 30.43
CA GLY B 22 -8.87 -30.93 31.26
C GLY B 22 -9.79 -31.68 32.20
N PHE B 23 -9.19 -32.44 33.11
CA PHE B 23 -9.94 -33.24 34.08
C PHE B 23 -9.48 -32.94 35.51
N ARG B 24 -10.41 -33.03 36.45
CA ARG B 24 -10.10 -32.88 37.87
C ARG B 24 -11.07 -33.73 38.70
N HIS B 25 -10.51 -34.76 39.36
CA HIS B 25 -11.31 -35.72 40.11
C HIS B 25 -11.15 -35.52 41.61
N GLN B 26 -12.07 -36.06 42.40
CA GLN B 26 -12.06 -35.86 43.84
C GLN B 26 -12.24 -37.16 44.63
N ASN B 27 -11.28 -38.07 44.51
CA ASN B 27 -11.36 -39.33 45.28
C ASN B 27 -10.49 -39.35 46.55
N ALA B 28 -10.28 -40.54 47.09
CA ALA B 28 -9.62 -40.70 48.38
C ALA B 28 -8.13 -40.32 48.38
N GLN B 29 -7.41 -40.68 47.32
CA GLN B 29 -5.96 -40.59 47.29
C GLN B 29 -5.41 -39.18 47.06
N GLY B 30 -6.03 -38.18 47.69
CA GLY B 30 -5.65 -36.81 47.44
C GLY B 30 -6.37 -36.28 46.22
N GLU B 31 -5.64 -35.60 45.34
CA GLU B 31 -6.26 -34.99 44.16
C GLU B 31 -5.58 -35.27 42.82
N GLY B 32 -5.86 -34.39 41.86
CA GLY B 32 -5.34 -34.52 40.51
C GLY B 32 -6.14 -33.68 39.53
N THR B 33 -5.55 -32.58 39.09
CA THR B 33 -6.11 -31.77 38.01
C THR B 33 -5.26 -31.99 36.77
N ALA B 34 -5.90 -32.42 35.68
CA ALA B 34 -5.15 -32.82 34.48
C ALA B 34 -5.50 -32.00 33.23
N ALA B 35 -5.09 -32.51 32.08
CA ALA B 35 -5.32 -31.82 30.81
C ALA B 35 -5.68 -32.80 29.70
N ASP B 36 -6.71 -32.47 28.93
CA ASP B 36 -7.05 -33.24 27.73
C ASP B 36 -6.40 -32.59 26.50
N TYR B 37 -5.75 -33.41 25.68
CA TYR B 37 -4.95 -32.92 24.57
C TYR B 37 -5.75 -32.81 23.27
N LYS B 38 -6.50 -33.84 22.94
CA LYS B 38 -7.19 -33.90 21.65
C LYS B 38 -8.42 -33.00 21.54
N SER B 39 -8.86 -32.45 22.68
CA SER B 39 -9.89 -31.42 22.66
C SER B 39 -9.22 -30.05 22.65
N THR B 40 -8.18 -29.91 23.47
CA THR B 40 -7.35 -28.71 23.46
C THR B 40 -6.75 -28.45 22.09
N GLN B 41 -6.19 -29.49 21.47
CA GLN B 41 -5.52 -29.34 20.18
C GLN B 41 -6.47 -29.01 19.03
N SER B 42 -7.62 -29.69 18.99
CA SER B 42 -8.59 -29.50 17.91
C SER B 42 -9.16 -28.08 17.88
N ALA B 43 -9.42 -27.51 19.06
CA ALA B 43 -9.87 -26.12 19.15
C ALA B 43 -8.74 -25.14 18.78
N ILE B 44 -7.50 -25.53 19.07
CA ILE B 44 -6.33 -24.73 18.73
C ILE B 44 -6.06 -24.70 17.22
N ASP B 45 -6.15 -25.86 16.58
CA ASP B 45 -5.90 -25.97 15.14
C ASP B 45 -6.97 -25.23 14.33
N GLN B 46 -8.10 -24.96 14.96
CA GLN B 46 -9.18 -24.22 14.29
C GLN B 46 -9.06 -22.70 14.46
N ILE B 47 -8.69 -22.24 15.65
CA ILE B 47 -8.36 -20.83 15.84
C ILE B 47 -7.14 -20.49 14.99
N THR B 48 -6.16 -21.38 14.98
CA THR B 48 -4.96 -21.21 14.16
C THR B 48 -5.30 -21.14 12.67
N GLY B 49 -6.34 -21.87 12.26
CA GLY B 49 -6.77 -21.87 10.89
C GLY B 49 -7.47 -20.59 10.47
N LYS B 50 -8.25 -20.00 11.38
CA LYS B 50 -8.88 -18.70 11.13
C LYS B 50 -7.83 -17.63 10.92
N LEU B 51 -6.88 -17.59 11.86
CA LEU B 51 -5.83 -16.59 11.90
C LEU B 51 -4.98 -16.64 10.64
N ASN B 52 -4.67 -17.85 10.19
CA ASN B 52 -3.85 -18.02 9.01
C ASN B 52 -4.62 -17.73 7.71
N ARG B 53 -5.92 -17.46 7.84
CA ARG B 53 -6.74 -17.11 6.70
C ARG B 53 -6.79 -15.58 6.54
N LEU B 54 -6.53 -14.86 7.63
CA LEU B 54 -6.56 -13.39 7.62
C LEU B 54 -5.21 -12.78 7.29
N ILE B 55 -4.18 -13.62 7.23
CA ILE B 55 -2.86 -13.16 6.82
C ILE B 55 -2.64 -13.61 5.38
N GLU B 56 -2.63 -12.66 4.45
CA GLU B 56 -2.43 -13.00 3.05
C GLU B 56 -1.63 -11.96 2.28
N LYS B 57 -1.47 -12.20 0.98
CA LYS B 57 -0.59 -11.39 0.16
C LYS B 57 -1.23 -10.91 -1.13
N THR B 58 -1.82 -9.74 -1.08
CA THR B 58 -2.21 -9.04 -2.29
C THR B 58 -0.94 -8.91 -3.12
N ASN B 59 -0.90 -9.58 -4.26
CA ASN B 59 0.06 -9.22 -5.30
C ASN B 59 -0.60 -8.13 -6.13
N GLN B 60 -1.50 -7.40 -5.46
CA GLN B 60 -2.23 -6.31 -6.06
C GLN B 60 -1.63 -4.94 -5.73
N GLN B 61 -0.86 -4.42 -6.67
CA GLN B 61 -0.20 -3.14 -6.52
C GLN B 61 -1.16 -1.99 -6.82
N PHE B 62 -1.12 -0.94 -6.01
CA PHE B 62 -1.77 0.31 -6.37
C PHE B 62 -0.74 1.43 -6.52
N GLU B 63 -0.98 2.35 -7.45
CA GLU B 63 -0.07 3.46 -7.71
C GLU B 63 -0.66 4.76 -7.21
N LEU B 64 0.20 5.77 -7.12
CA LEU B 64 -0.24 7.13 -6.83
C LEU B 64 -1.25 7.56 -7.90
N ILE B 65 -2.35 8.16 -7.44
CA ILE B 65 -3.31 8.77 -8.34
C ILE B 65 -3.38 10.26 -7.99
N ASP B 66 -2.74 10.61 -6.88
CA ASP B 66 -2.76 11.96 -6.30
C ASP B 66 -1.35 12.54 -6.21
N ASN B 67 -1.24 13.80 -5.78
CA ASN B 67 0.07 14.44 -5.58
C ASN B 67 0.05 15.38 -4.37
N GLU B 68 0.90 15.10 -3.39
CA GLU B 68 0.90 15.88 -2.13
C GLU B 68 1.95 16.98 -2.10
N PHE B 69 2.81 17.03 -3.11
CA PHE B 69 3.76 18.11 -3.24
C PHE B 69 3.17 19.15 -4.18
N ASN B 70 2.32 18.68 -5.08
CA ASN B 70 1.72 19.53 -6.10
C ASN B 70 0.27 19.09 -6.40
N GLU B 71 -0.68 19.70 -5.69
CA GLU B 71 -2.10 19.36 -5.81
C GLU B 71 -2.62 19.32 -7.25
N VAL B 72 -3.33 18.24 -7.58
CA VAL B 72 -3.95 18.08 -8.89
C VAL B 72 -5.15 19.01 -9.00
N GLU B 73 -5.65 19.21 -10.22
CA GLU B 73 -6.79 20.09 -10.45
C GLU B 73 -7.96 19.70 -9.55
N LYS B 74 -8.68 20.70 -9.07
CA LYS B 74 -9.70 20.54 -8.05
C LYS B 74 -10.79 19.54 -8.42
N GLN B 75 -11.35 19.68 -9.61
CA GLN B 75 -12.43 18.79 -10.03
C GLN B 75 -12.04 17.30 -9.97
N ILE B 76 -10.94 16.93 -10.62
CA ILE B 76 -10.50 15.53 -10.57
C ILE B 76 -10.04 15.18 -9.15
N GLY B 77 -9.44 16.14 -8.46
CA GLY B 77 -9.04 15.96 -7.09
C GLY B 77 -10.21 15.53 -6.23
N ASN B 78 -11.30 16.31 -6.27
CA ASN B 78 -12.49 15.97 -5.51
C ASN B 78 -13.12 14.62 -5.86
N VAL B 79 -13.17 14.29 -7.15
CA VAL B 79 -13.64 12.96 -7.57
C VAL B 79 -12.79 11.85 -6.93
N ILE B 80 -11.48 12.00 -7.01
CA ILE B 80 -10.55 11.03 -6.43
C ILE B 80 -10.78 10.85 -4.93
N ASN B 81 -10.82 11.95 -4.17
CA ASN B 81 -11.05 11.86 -2.72
C ASN B 81 -12.39 11.21 -2.38
N TRP B 82 -13.43 11.66 -3.07
CA TRP B 82 -14.77 11.11 -2.94
C TRP B 82 -14.75 9.62 -3.16
N THR B 83 -14.02 9.20 -4.20
CA THR B 83 -13.88 7.79 -4.48
C THR B 83 -13.13 7.09 -3.36
N ARG B 84 -11.97 7.62 -2.97
CA ARG B 84 -11.18 7.03 -1.88
C ARG B 84 -11.96 6.89 -0.57
N ASP B 85 -12.63 7.97 -0.16
CA ASP B 85 -13.48 7.90 1.04
C ASP B 85 -14.60 6.84 0.94
N SER B 86 -15.28 6.75 -0.20
CA SER B 86 -16.29 5.69 -0.39
C SER B 86 -15.66 4.30 -0.17
N ILE B 87 -14.55 4.04 -0.85
CA ILE B 87 -13.82 2.79 -0.66
C ILE B 87 -13.38 2.57 0.80
N THR B 88 -12.94 3.62 1.47
CA THR B 88 -12.58 3.53 2.89
C THR B 88 -13.75 3.09 3.78
N GLU B 89 -14.94 3.64 3.53
CA GLU B 89 -16.14 3.22 4.27
C GLU B 89 -16.39 1.74 4.08
N VAL B 90 -16.32 1.29 2.82
CA VAL B 90 -16.48 -0.13 2.52
C VAL B 90 -15.54 -1.03 3.33
N TRP B 91 -14.24 -0.77 3.27
CA TRP B 91 -13.28 -1.60 4.01
C TRP B 91 -13.42 -1.51 5.53
N SER B 92 -13.68 -0.31 6.05
CA SER B 92 -13.90 -0.15 7.48
C SER B 92 -15.08 -1.03 7.93
N TYR B 93 -16.14 -1.04 7.11
CA TYR B 93 -17.30 -1.89 7.35
C TYR B 93 -16.95 -3.37 7.27
N ASN B 94 -16.31 -3.78 6.16
CA ASN B 94 -15.89 -5.17 6.00
C ASN B 94 -15.06 -5.64 7.19
N ALA B 95 -14.09 -4.83 7.60
CA ALA B 95 -13.22 -5.19 8.71
C ALA B 95 -14.00 -5.42 10.01
N GLU B 96 -14.85 -4.45 10.35
CA GLU B 96 -15.62 -4.51 11.58
C GLU B 96 -16.56 -5.72 11.60
N LEU B 97 -17.18 -6.00 10.46
CA LEU B 97 -18.09 -7.14 10.34
C LEU B 97 -17.34 -8.46 10.41
N LEU B 98 -16.26 -8.55 9.64
CA LEU B 98 -15.43 -9.76 9.62
C LEU B 98 -15.05 -10.16 11.04
N VAL B 99 -14.41 -9.25 11.76
CA VAL B 99 -13.95 -9.54 13.12
C VAL B 99 -15.08 -9.92 14.08
N ALA B 100 -16.17 -9.15 14.08
CA ALA B 100 -17.32 -9.46 14.92
C ALA B 100 -17.88 -10.85 14.64
N MET B 101 -18.07 -11.14 13.36
CA MET B 101 -18.56 -12.44 12.92
C MET B 101 -17.59 -13.55 13.33
N GLU B 102 -16.30 -13.34 13.05
CA GLU B 102 -15.28 -14.34 13.38
C GLU B 102 -15.20 -14.61 14.89
N ASN B 103 -15.24 -13.55 15.70
CA ASN B 103 -15.18 -13.71 17.15
C ASN B 103 -16.38 -14.48 17.70
N GLN B 104 -17.58 -14.11 17.24
CA GLN B 104 -18.81 -14.81 17.57
C GLN B 104 -18.66 -16.32 17.33
N HIS B 105 -18.08 -16.65 16.19
CA HIS B 105 -17.90 -18.06 15.83
C HIS B 105 -16.80 -18.74 16.64
N THR B 106 -15.69 -18.04 16.87
CA THR B 106 -14.60 -18.57 17.68
C THR B 106 -15.08 -18.95 19.08
N ILE B 107 -15.90 -18.09 19.66
CA ILE B 107 -16.43 -18.28 21.00
C ILE B 107 -17.39 -19.46 21.07
N ASP B 108 -18.32 -19.52 20.12
CA ASP B 108 -19.26 -20.64 20.01
C ASP B 108 -18.52 -21.93 19.67
N LEU B 109 -17.30 -21.79 19.17
CA LEU B 109 -16.49 -22.93 18.73
C LEU B 109 -15.78 -23.61 19.89
N ALA B 110 -15.30 -22.79 20.82
CA ALA B 110 -14.61 -23.30 21.99
C ALA B 110 -15.61 -23.92 22.96
N ASP B 111 -16.79 -23.30 23.03
CA ASP B 111 -17.90 -23.83 23.82
C ASP B 111 -18.28 -25.20 23.27
N SER B 112 -18.30 -25.32 21.96
CA SER B 112 -18.61 -26.57 21.27
C SER B 112 -17.66 -27.70 21.69
N GLU B 113 -16.38 -27.38 21.79
CA GLU B 113 -15.35 -28.37 22.08
C GLU B 113 -15.33 -28.79 23.57
N MET B 114 -16.01 -28.04 24.41
CA MET B 114 -16.22 -28.44 25.79
C MET B 114 -17.32 -29.49 25.80
N ASP B 115 -18.43 -29.15 25.16
CA ASP B 115 -19.61 -30.00 25.10
C ASP B 115 -19.33 -31.33 24.41
N LYS B 116 -18.40 -31.33 23.45
CA LYS B 116 -18.06 -32.55 22.72
C LYS B 116 -17.11 -33.43 23.53
N LEU B 117 -16.36 -32.82 24.43
CA LEU B 117 -15.52 -33.56 25.38
C LEU B 117 -16.41 -34.27 26.38
N TYR B 118 -17.11 -33.45 27.18
CA TYR B 118 -18.11 -33.90 28.14
C TYR B 118 -18.96 -35.05 27.61
N GLU B 119 -19.85 -34.72 26.67
CA GLU B 119 -20.86 -35.65 26.15
C GLU B 119 -20.34 -37.00 25.65
N ARG B 120 -19.03 -37.20 25.67
CA ARG B 120 -18.45 -38.46 25.22
C ARG B 120 -17.68 -39.14 26.37
N VAL B 121 -17.40 -38.39 27.42
CA VAL B 121 -17.02 -38.96 28.71
C VAL B 121 -18.29 -39.56 29.31
N LYS B 122 -19.39 -38.83 29.18
CA LYS B 122 -20.71 -39.27 29.61
C LYS B 122 -21.11 -40.60 28.96
N ARG B 123 -20.76 -40.77 27.69
CA ARG B 123 -21.09 -41.98 26.95
C ARG B 123 -20.07 -43.11 27.19
N GLN B 124 -18.97 -42.77 27.86
CA GLN B 124 -17.95 -43.74 28.22
C GLN B 124 -18.36 -44.45 29.51
N LEU B 125 -18.75 -43.66 30.50
CA LEU B 125 -19.26 -44.16 31.76
C LEU B 125 -20.76 -44.37 31.62
N ARG B 126 -21.15 -45.41 30.89
CA ARG B 126 -22.54 -45.63 30.47
C ARG B 126 -23.60 -45.42 31.56
N GLU B 127 -23.89 -46.45 32.35
CA GLU B 127 -24.84 -46.29 33.45
C GLU B 127 -24.13 -46.40 34.81
N ASN B 128 -22.80 -46.43 34.78
CA ASN B 128 -21.98 -46.53 35.98
C ASN B 128 -21.75 -45.19 36.69
N ALA B 129 -22.51 -44.17 36.29
CA ALA B 129 -22.33 -42.82 36.81
C ALA B 129 -23.53 -41.91 36.49
N GLU B 130 -23.56 -40.73 37.10
CA GLU B 130 -24.63 -39.77 36.85
C GLU B 130 -24.12 -38.34 36.65
N GLU B 131 -24.87 -37.55 35.89
CA GLU B 131 -24.57 -36.13 35.67
C GLU B 131 -24.94 -35.30 36.89
N ASP B 132 -23.95 -34.74 37.56
CA ASP B 132 -24.24 -33.84 38.68
C ASP B 132 -25.03 -32.61 38.22
N GLY B 133 -24.52 -31.93 37.19
CA GLY B 133 -25.19 -30.75 36.66
C GLY B 133 -24.30 -29.52 36.66
N THR B 134 -23.03 -29.72 36.99
CA THR B 134 -22.04 -28.64 36.95
C THR B 134 -20.82 -29.11 36.16
N GLY B 135 -21.04 -30.10 35.30
CA GLY B 135 -19.98 -30.70 34.53
C GLY B 135 -19.29 -31.81 35.30
N CYS B 136 -19.94 -32.28 36.36
CA CYS B 136 -19.36 -33.29 37.23
C CYS B 136 -20.07 -34.63 37.10
N PHE B 137 -19.31 -35.71 37.25
CA PHE B 137 -19.89 -37.05 37.18
C PHE B 137 -19.69 -37.83 38.48
N GLU B 138 -20.80 -38.12 39.16
CA GLU B 138 -20.75 -38.98 40.33
C GLU B 138 -20.60 -40.42 39.89
N ILE B 139 -19.40 -40.97 40.12
CA ILE B 139 -19.18 -42.39 39.86
C ILE B 139 -19.67 -43.19 41.06
N PHE B 140 -20.52 -44.18 40.81
CA PHE B 140 -21.08 -44.99 41.88
C PHE B 140 -20.29 -46.29 42.08
N HIS B 141 -19.00 -46.25 41.79
CA HIS B 141 -18.11 -47.38 42.08
C HIS B 141 -16.65 -46.98 42.33
N LYS B 142 -16.46 -46.00 43.21
CA LYS B 142 -15.14 -45.55 43.69
C LYS B 142 -13.96 -45.84 42.77
N CYS B 143 -13.80 -45.01 41.75
CA CYS B 143 -12.70 -45.18 40.81
C CYS B 143 -11.43 -44.55 41.36
N ASP B 144 -10.28 -45.02 40.86
CA ASP B 144 -8.99 -44.55 41.37
C ASP B 144 -8.05 -44.06 40.27
N ASP B 145 -6.81 -43.74 40.66
CA ASP B 145 -5.80 -43.21 39.75
C ASP B 145 -5.37 -44.20 38.65
N ASP B 146 -6.04 -45.34 38.57
CA ASP B 146 -5.84 -46.28 37.47
C ASP B 146 -7.10 -46.24 36.62
N CYS B 147 -8.24 -46.21 37.31
CA CYS B 147 -9.54 -45.97 36.69
C CYS B 147 -9.52 -44.58 36.02
N MET B 148 -9.28 -43.55 36.84
CA MET B 148 -9.29 -42.16 36.39
C MET B 148 -8.43 -41.89 35.17
N ALA B 149 -7.30 -42.60 35.08
CA ALA B 149 -6.46 -42.55 33.88
C ALA B 149 -7.17 -43.22 32.70
N SER B 150 -7.85 -44.33 32.98
CA SER B 150 -8.56 -45.07 31.92
C SER B 150 -9.72 -44.27 31.33
N ILE B 151 -10.26 -43.32 32.08
CA ILE B 151 -11.28 -42.42 31.56
C ILE B 151 -10.61 -41.32 30.74
N ARG B 152 -9.63 -40.66 31.35
CA ARG B 152 -8.85 -39.61 30.70
C ARG B 152 -8.30 -40.02 29.33
N ASN B 153 -7.84 -41.27 29.21
CA ASN B 153 -7.37 -41.77 27.92
C ASN B 153 -8.29 -42.82 27.29
N ASN B 154 -9.58 -42.75 27.57
CA ASN B 154 -10.61 -43.50 26.83
C ASN B 154 -10.34 -45.00 26.73
N THR B 155 -10.37 -45.68 27.86
CA THR B 155 -10.10 -47.12 27.94
C THR B 155 -10.98 -47.78 29.01
N TYR B 156 -11.60 -46.95 29.83
CA TYR B 156 -12.56 -47.36 30.86
C TYR B 156 -13.53 -48.40 30.30
N ASP B 157 -13.64 -49.55 30.96
CA ASP B 157 -14.62 -50.53 30.49
C ASP B 157 -16.03 -50.20 30.97
N HIS B 158 -16.89 -50.02 29.98
CA HIS B 158 -18.24 -49.53 30.13
C HIS B 158 -19.19 -50.67 30.43
N SER B 159 -18.67 -51.65 31.19
CA SER B 159 -19.38 -52.86 31.56
C SER B 159 -18.64 -53.59 32.69
N LYS B 160 -17.35 -53.83 32.51
CA LYS B 160 -16.51 -54.49 33.53
C LYS B 160 -16.30 -53.59 34.74
N TYR B 161 -17.40 -53.07 35.29
CA TYR B 161 -17.38 -52.12 36.39
C TYR B 161 -18.82 -51.86 36.75
N ARG B 162 -19.70 -52.32 35.87
CA ARG B 162 -21.13 -51.98 35.89
C ARG B 162 -21.85 -52.31 37.19
N GLU B 163 -22.30 -53.55 37.33
CA GLU B 163 -23.22 -53.94 38.40
C GLU B 163 -22.75 -53.62 39.81
N GLU B 164 -21.43 -53.51 40.00
CA GLU B 164 -20.89 -53.00 41.25
C GLU B 164 -21.47 -51.63 41.55
N ALA B 165 -21.71 -50.85 40.50
CA ALA B 165 -22.26 -49.50 40.62
C ALA B 165 -23.78 -49.48 40.44
N MET B 166 -24.29 -50.40 39.62
CA MET B 166 -25.71 -50.46 39.28
C MET B 166 -26.64 -50.54 40.50
N GLN B 167 -26.29 -51.39 41.46
CA GLN B 167 -27.13 -51.60 42.64
C GLN B 167 -26.85 -50.57 43.74
N ASN B 168 -26.10 -49.53 43.37
CA ASN B 168 -25.79 -48.43 44.28
C ASN B 168 -26.29 -47.09 43.75
C1 GAL C . 16.81 41.50 -16.89
C2 GAL C . 16.71 41.02 -15.45
C3 GAL C . 17.73 39.92 -15.15
C4 GAL C . 17.70 38.84 -16.24
C5 GAL C . 17.75 39.46 -17.62
C6 GAL C . 17.65 38.38 -18.70
O1 GAL C . 15.77 42.45 -17.15
O2 GAL C . 16.91 42.11 -14.56
O3 GAL C . 17.45 39.33 -13.89
O4 GAL C . 16.50 38.07 -16.10
O5 GAL C . 16.67 40.39 -17.78
O6 GAL C . 18.93 37.79 -18.91
C1 SIA C . 18.76 35.43 -19.18
C2 SIA C . 18.84 36.75 -19.90
C3 SIA C . 20.11 36.80 -20.73
C4 SIA C . 20.10 35.74 -21.82
C5 SIA C . 18.79 35.77 -22.61
C6 SIA C . 17.59 35.78 -21.67
C7 SIA C . 16.29 35.90 -22.45
C8 SIA C . 15.09 35.98 -21.50
C9 SIA C . 13.79 35.83 -22.27
C10 SIA C . 18.26 34.75 -24.73
C11 SIA C . 18.40 33.53 -25.60
N5 SIA C . 18.72 34.63 -23.49
O1A SIA C . 17.72 34.74 -19.29
O1B SIA C . 19.74 35.07 -18.49
O4 SIA C . 21.20 35.97 -22.72
O6 SIA C . 17.70 36.88 -20.77
O7 SIA C . 16.33 37.07 -23.27
O8 SIA C . 15.19 34.94 -20.52
O9 SIA C . 12.71 36.34 -21.46
O10 SIA C . 17.76 35.77 -25.16
C1 NAG D . -2.10 -14.53 22.03
C2 NAG D . -1.24 -15.77 22.24
C3 NAG D . 0.02 -15.66 21.40
C4 NAG D . -0.30 -15.40 19.93
C5 NAG D . -1.52 -14.50 19.68
C6 NAG D . -2.18 -14.93 18.36
C7 NAG D . -0.87 -17.22 24.15
C8 NAG D . -1.33 -17.43 25.56
N2 NAG D . -0.92 -15.99 23.65
O3 NAG D . 0.75 -16.87 21.49
O4 NAG D . 0.84 -14.83 19.30
O5 NAG D . -2.52 -14.50 20.68
O6 NAG D . -2.46 -16.32 18.37
O7 NAG D . -0.46 -18.18 23.48
C1 NAG E . 7.43 -0.32 -39.20
C2 NAG E . 6.43 -0.27 -40.36
C3 NAG E . 6.83 -1.08 -41.59
C4 NAG E . 8.34 -1.16 -41.81
C5 NAG E . 9.05 -1.47 -40.50
C6 NAG E . 10.56 -1.64 -40.71
C7 NAG E . 3.99 -0.14 -40.27
C8 NAG E . 3.06 0.31 -39.18
N2 NAG E . 5.13 -0.72 -39.88
O3 NAG E . 6.24 -0.49 -42.74
O4 NAG E . 8.64 -2.17 -42.74
O5 NAG E . 8.79 -0.43 -39.60
O6 NAG E . 11.04 -0.66 -41.60
O7 NAG E . 3.69 0.01 -41.45
C1 NAG F . -8.12 15.31 -1.13
C2 NAG F . -8.04 16.84 -1.14
C3 NAG F . -6.88 17.37 -0.32
C4 NAG F . -6.73 16.65 1.02
C5 NAG F . -6.74 15.15 0.80
C6 NAG F . -6.60 14.37 2.12
C7 NAG F . -8.60 18.35 -3.00
C8 NAG F . -8.44 18.64 -4.48
N2 NAG F . -7.92 17.31 -2.52
O3 NAG F . -7.05 18.76 -0.13
O4 NAG F . -5.54 17.06 1.64
O5 NAG F . -7.95 14.76 0.16
O6 NAG F . -6.67 12.98 1.87
O7 NAG F . -9.32 19.05 -2.30
#